data_2NO1
#
_entry.id   2NO1
#
_cell.length_a   52.700
_cell.length_b   132.760
_cell.length_c   156.850
_cell.angle_alpha   90.00
_cell.angle_beta   90.00
_cell.angle_gamma   90.00
#
_symmetry.space_group_name_H-M   'C 2 2 21'
#
loop_
_entity.id
_entity.type
_entity.pdbx_description
1 polymer 'deoxycytidine kinase'
2 non-polymer "ADENOSINE-5'-DIPHOSPHATE"
3 non-polymer "2'-DEOXYCYTIDINE"
4 water water
#
_entity_poly.entity_id   1
_entity_poly.type   'polypeptide(L)'
_entity_poly.pdbx_seq_one_letter_code
;MGSSHHHHHHSSGLVPRGSHMATPPKRSSPSFSASSEGTRIKKISIEGNIAAGKSTFVNILKQLSEDWEVVPEPVARWSN
VQSTQDEFEELTMSQKNGGNVLQMMYEKPERWSFTFQTYACLSRIRAQLASLNGKLKDAEKPVLFFERSVYSDRYIFASN
LYESESMNETEWTIYQDWHDWMNNQFGQSLELDGIIYLQATPETCLHRIYLRGRNEEQGIPLEYLEKLHYKHESWLLHRT
LKTNFDYLQEVPILTLDVNEDFKDKYESLVEKVKEFLSTL
;
_entity_poly.pdbx_strand_id   A,B
#
loop_
_chem_comp.id
_chem_comp.type
_chem_comp.name
_chem_comp.formula
ADP non-polymer ADENOSINE-5'-DIPHOSPHATE 'C10 H15 N5 O10 P2'
DCZ DNA OH 5 prime terminus 2'-DEOXYCYTIDINE 'C9 H13 N3 O4'
#
# COMPACT_ATOMS: atom_id res chain seq x y z
N THR A 39 14.60 -18.41 -0.28
CA THR A 39 14.19 -19.78 0.16
C THR A 39 14.62 -20.84 -0.87
N ARG A 40 14.41 -22.10 -0.49
CA ARG A 40 14.60 -23.26 -1.35
C ARG A 40 13.34 -23.57 -2.16
N ILE A 41 12.23 -22.93 -1.79
CA ILE A 41 10.95 -23.03 -2.51
C ILE A 41 11.07 -22.38 -3.88
N LYS A 42 10.76 -23.15 -4.92
CA LYS A 42 10.65 -22.62 -6.27
C LYS A 42 9.32 -21.89 -6.39
N LYS A 43 9.37 -20.70 -6.97
CA LYS A 43 8.18 -19.86 -7.16
C LYS A 43 7.83 -19.80 -8.64
N ILE A 44 6.64 -20.26 -8.98
CA ILE A 44 6.21 -20.30 -10.35
C ILE A 44 4.85 -19.55 -10.49
N SER A 45 4.81 -18.50 -11.30
CA SER A 45 3.54 -17.80 -11.53
C SER A 45 2.71 -18.39 -12.67
N ILE A 46 1.40 -18.50 -12.47
CA ILE A 46 0.50 -18.90 -13.54
C ILE A 46 -0.11 -17.59 -14.02
N GLU A 47 -0.01 -17.33 -15.32
CA GLU A 47 -0.44 -16.06 -15.94
C GLU A 47 -1.39 -16.35 -17.08
N GLY A 48 -2.25 -15.38 -17.39
CA GLY A 48 -3.28 -15.57 -18.39
C GLY A 48 -4.45 -14.61 -18.17
N ASN A 49 -5.26 -14.45 -19.19
CA ASN A 49 -6.31 -13.48 -19.19
C ASN A 49 -7.39 -13.98 -18.22
N ILE A 50 -8.39 -13.13 -18.00
CA ILE A 50 -9.54 -13.40 -17.17
C ILE A 50 -10.31 -14.61 -17.68
N ALA A 51 -10.52 -15.58 -16.79
CA ALA A 51 -11.23 -16.82 -17.10
C ALA A 51 -10.50 -17.71 -18.14
N ALA A 52 -9.18 -17.59 -18.26
CA ALA A 52 -8.42 -18.50 -19.15
C ALA A 52 -8.48 -19.93 -18.64
N GLY A 53 -8.63 -20.06 -17.32
CA GLY A 53 -8.70 -21.36 -16.65
C GLY A 53 -7.56 -21.63 -15.65
N LYS A 54 -6.99 -20.57 -15.07
CA LYS A 54 -5.77 -20.65 -14.25
C LYS A 54 -6.06 -21.36 -12.96
N SER A 55 -7.08 -20.89 -12.24
CA SER A 55 -7.54 -21.55 -11.00
C SER A 55 -7.84 -23.03 -11.20
N THR A 56 -8.66 -23.35 -12.20
CA THR A 56 -9.03 -24.72 -12.55
C THR A 56 -7.81 -25.62 -12.76
N PHE A 57 -6.92 -25.17 -13.65
CA PHE A 57 -5.75 -25.94 -14.04
C PHE A 57 -4.81 -26.18 -12.86
N VAL A 58 -4.42 -25.10 -12.21
CA VAL A 58 -3.38 -25.17 -11.18
C VAL A 58 -3.88 -25.91 -9.92
N ASN A 59 -5.15 -25.75 -9.59
CA ASN A 59 -5.67 -26.41 -8.41
C ASN A 59 -5.89 -27.91 -8.61
N ILE A 60 -6.00 -28.33 -9.88
CA ILE A 60 -6.01 -29.74 -10.22
C ILE A 60 -4.57 -30.24 -10.32
N LEU A 61 -3.77 -29.53 -11.11
CA LEU A 61 -2.33 -29.79 -11.22
C LEU A 61 -1.60 -30.06 -9.88
N LYS A 62 -1.84 -29.22 -8.87
CA LYS A 62 -1.08 -29.26 -7.59
C LYS A 62 -1.19 -30.55 -6.74
N GLN A 63 -2.28 -31.31 -6.94
CA GLN A 63 -2.45 -32.61 -6.27
C GLN A 63 -1.45 -33.67 -6.70
N LEU A 64 -0.86 -33.53 -7.88
CA LEU A 64 0.13 -34.50 -8.34
C LEU A 64 1.30 -34.68 -7.37
N SER A 65 1.59 -33.66 -6.55
CA SER A 65 2.68 -33.72 -5.59
C SER A 65 2.38 -33.02 -4.29
N GLU A 66 2.78 -33.64 -3.16
CA GLU A 66 2.59 -33.05 -1.84
C GLU A 66 3.57 -31.89 -1.57
N ASP A 67 4.57 -31.75 -2.43
CA ASP A 67 5.50 -30.61 -2.39
C ASP A 67 4.97 -29.42 -3.20
N TRP A 68 3.85 -29.62 -3.91
CA TRP A 68 3.24 -28.58 -4.73
C TRP A 68 2.06 -27.88 -4.00
N GLU A 69 2.18 -26.57 -3.80
CA GLU A 69 1.07 -25.76 -3.31
C GLU A 69 0.78 -24.55 -4.20
N VAL A 70 -0.40 -23.98 -3.99
CA VAL A 70 -0.89 -22.85 -4.77
C VAL A 70 -1.22 -21.69 -3.83
N VAL A 71 -0.85 -20.47 -4.25
CA VAL A 71 -1.40 -19.24 -3.65
C VAL A 71 -2.49 -18.65 -4.55
N PRO A 72 -3.75 -18.74 -4.11
CA PRO A 72 -4.79 -18.21 -4.97
C PRO A 72 -4.71 -16.71 -5.07
N GLU A 73 -5.23 -16.16 -6.16
CA GLU A 73 -5.42 -14.72 -6.25
C GLU A 73 -6.54 -14.30 -5.27
N PRO A 74 -6.31 -13.28 -4.43
CA PRO A 74 -7.37 -12.92 -3.42
C PRO A 74 -8.62 -12.21 -3.92
N VAL A 75 -9.19 -12.69 -5.03
CA VAL A 75 -10.37 -12.06 -5.58
C VAL A 75 -11.56 -12.00 -4.57
N ALA A 76 -11.73 -13.02 -3.71
CA ALA A 76 -12.74 -12.93 -2.64
C ALA A 76 -12.58 -11.71 -1.77
N ARG A 77 -11.34 -11.32 -1.49
CA ARG A 77 -11.05 -10.15 -0.66
C ARG A 77 -11.40 -8.82 -1.34
N TRP A 78 -11.52 -8.87 -2.66
CA TRP A 78 -11.88 -7.71 -3.49
C TRP A 78 -13.39 -7.51 -3.63
N SER A 79 -14.15 -8.60 -3.77
CA SER A 79 -15.62 -8.52 -3.89
C SER A 79 -16.30 -8.33 -2.51
N ASN A 80 -15.56 -8.53 -1.43
CA ASN A 80 -16.10 -8.42 -0.07
C ASN A 80 -14.98 -7.81 0.78
N VAL A 81 -14.97 -6.49 0.91
CA VAL A 81 -13.80 -5.75 1.41
C VAL A 81 -13.91 -5.68 2.93
N GLN A 82 -12.88 -6.22 3.60
CA GLN A 82 -12.88 -6.37 5.05
C GLN A 82 -11.50 -6.06 5.62
N SER A 83 -11.48 -5.46 6.79
CA SER A 83 -10.23 -5.31 7.50
C SER A 83 -10.37 -5.96 8.90
N THR A 84 -9.26 -6.13 9.61
CA THR A 84 -9.25 -6.95 10.81
C THR A 84 -10.07 -6.34 11.96
N GLN A 85 -10.75 -7.20 12.71
CA GLN A 85 -11.45 -6.78 13.93
C GLN A 85 -10.54 -6.71 15.14
N ASP A 86 -10.87 -5.80 16.04
CA ASP A 86 -10.22 -5.70 17.34
C ASP A 86 -10.41 -7.03 18.13
N GLU A 87 -9.45 -7.47 18.93
CA GLU A 87 -9.52 -8.79 19.59
C GLU A 87 -10.73 -8.96 20.57
N PHE A 88 -11.27 -7.86 21.08
CA PHE A 88 -12.43 -7.94 21.98
C PHE A 88 -13.73 -7.72 21.21
N GLU A 89 -13.70 -6.80 20.25
CA GLU A 89 -14.91 -6.52 19.48
C GLU A 89 -15.40 -7.72 18.64
N GLU A 90 -14.48 -8.53 18.14
CA GLU A 90 -14.82 -9.71 17.37
C GLU A 90 -15.53 -10.80 18.19
N LEU A 91 -15.46 -10.70 19.51
CA LEU A 91 -16.14 -11.67 20.35
C LEU A 91 -17.67 -11.42 20.42
N THR A 92 -18.09 -10.19 20.09
CA THR A 92 -19.51 -9.85 20.18
C THR A 92 -20.08 -9.25 18.90
N MET A 93 -19.19 -8.85 17.97
CA MET A 93 -19.60 -8.31 16.70
C MET A 93 -19.15 -9.24 15.57
N SER A 94 -20.03 -9.47 14.60
CA SER A 94 -19.74 -10.29 13.45
C SER A 94 -18.79 -9.56 12.50
N GLN A 95 -18.11 -10.31 11.64
CA GLN A 95 -17.29 -9.70 10.61
C GLN A 95 -18.24 -9.49 9.43
N LYS A 96 -18.75 -8.26 9.29
CA LYS A 96 -19.77 -7.98 8.27
C LYS A 96 -19.23 -7.96 6.83
N ASN A 97 -20.13 -8.16 5.85
CA ASN A 97 -19.74 -7.97 4.46
C ASN A 97 -19.49 -6.50 4.13
N GLY A 98 -18.36 -6.25 3.49
CA GLY A 98 -17.96 -4.91 3.10
C GLY A 98 -18.43 -4.64 1.69
N GLY A 99 -17.87 -3.61 1.10
CA GLY A 99 -18.21 -3.29 -0.26
C GLY A 99 -17.48 -4.21 -1.23
N ASN A 100 -17.73 -3.99 -2.50
CA ASN A 100 -17.23 -4.82 -3.57
C ASN A 100 -16.45 -3.88 -4.46
N VAL A 101 -15.13 -3.81 -4.24
CA VAL A 101 -14.28 -2.89 -4.96
C VAL A 101 -14.01 -3.41 -6.40
N LEU A 102 -14.05 -4.71 -6.57
CA LEU A 102 -14.01 -5.29 -7.91
C LEU A 102 -15.17 -4.68 -8.75
N GLN A 103 -16.37 -4.70 -8.20
CA GLN A 103 -17.54 -4.23 -8.94
C GLN A 103 -17.49 -2.70 -9.14
N MET A 104 -16.96 -1.98 -8.14
CA MET A 104 -16.82 -0.52 -8.24
C MET A 104 -15.88 -0.16 -9.41
N MET A 105 -14.80 -0.94 -9.54
CA MET A 105 -13.88 -0.76 -10.66
C MET A 105 -14.59 -1.01 -12.00
N TYR A 106 -15.32 -2.12 -12.11
CA TYR A 106 -15.97 -2.41 -13.39
C TYR A 106 -17.07 -1.41 -13.76
N GLU A 107 -17.76 -0.91 -12.75
CA GLU A 107 -18.87 0.03 -12.95
C GLU A 107 -18.35 1.43 -13.27
N LYS A 108 -17.24 1.84 -12.67
CA LYS A 108 -16.68 3.17 -12.96
C LYS A 108 -15.16 3.14 -12.88
N PRO A 109 -14.52 2.63 -13.93
CA PRO A 109 -13.05 2.45 -13.85
C PRO A 109 -12.25 3.75 -13.68
N GLU A 110 -12.73 4.86 -14.24
CA GLU A 110 -12.03 6.16 -14.15
C GLU A 110 -12.01 6.69 -12.71
N ARG A 111 -12.98 6.25 -11.91
CA ARG A 111 -13.04 6.62 -10.49
C ARG A 111 -12.28 5.64 -9.59
N TRP A 112 -12.43 4.35 -9.85
CA TRP A 112 -12.00 3.31 -8.89
C TRP A 112 -10.82 2.46 -9.27
N SER A 113 -10.31 2.60 -10.49
CA SER A 113 -9.14 1.81 -10.94
C SER A 113 -7.96 1.87 -10.00
N PHE A 114 -7.51 3.08 -9.66
CA PHE A 114 -6.31 3.24 -8.82
C PHE A 114 -6.52 2.53 -7.47
N THR A 115 -7.67 2.79 -6.83
CA THR A 115 -8.01 2.19 -5.53
C THR A 115 -7.95 0.66 -5.65
N PHE A 116 -8.65 0.12 -6.66
CA PHE A 116 -8.70 -1.30 -6.90
C PHE A 116 -7.33 -1.91 -7.10
N GLN A 117 -6.51 -1.29 -7.95
CA GLN A 117 -5.23 -1.87 -8.34
C GLN A 117 -4.26 -1.85 -7.18
N THR A 118 -4.24 -0.77 -6.39
CA THR A 118 -3.41 -0.71 -5.19
C THR A 118 -3.79 -1.82 -4.19
N TYR A 119 -5.06 -1.94 -3.86
CA TYR A 119 -5.53 -2.98 -2.98
C TYR A 119 -5.26 -4.40 -3.50
N ALA A 120 -5.38 -4.61 -4.80
CA ALA A 120 -5.17 -5.91 -5.44
C ALA A 120 -3.76 -6.39 -5.18
N CYS A 121 -2.83 -5.49 -5.42
CA CYS A 121 -1.43 -5.81 -5.32
C CYS A 121 -1.02 -6.03 -3.88
N LEU A 122 -1.42 -5.11 -3.00
CA LEU A 122 -1.22 -5.25 -1.55
C LEU A 122 -1.72 -6.60 -1.02
N SER A 123 -2.95 -6.98 -1.37
CA SER A 123 -3.53 -8.18 -0.81
C SER A 123 -2.83 -9.38 -1.38
N ARG A 124 -2.36 -9.27 -2.63
CA ARG A 124 -1.63 -10.36 -3.25
C ARG A 124 -0.32 -10.56 -2.52
N ILE A 125 0.42 -9.47 -2.35
CA ILE A 125 1.75 -9.55 -1.72
C ILE A 125 1.59 -10.16 -0.30
N ARG A 126 0.59 -9.70 0.45
CA ARG A 126 0.35 -10.27 1.77
C ARG A 126 0.22 -11.80 1.72
N ALA A 127 -0.63 -12.27 0.81
CA ALA A 127 -0.95 -13.68 0.70
C ALA A 127 0.30 -14.47 0.26
N GLN A 128 1.02 -13.94 -0.74
CA GLN A 128 2.18 -14.67 -1.27
C GLN A 128 3.30 -14.77 -0.24
N LEU A 129 3.55 -13.66 0.48
CA LEU A 129 4.60 -13.63 1.52
C LEU A 129 4.33 -14.57 2.69
N ALA A 130 3.06 -14.67 3.11
CA ALA A 130 2.70 -15.55 4.22
C ALA A 130 2.89 -17.02 3.84
N SER A 131 2.42 -17.42 2.66
CA SER A 131 2.57 -18.80 2.21
C SER A 131 4.02 -19.17 1.97
N LEU A 132 4.81 -18.20 1.53
CA LEU A 132 6.24 -18.40 1.38
C LEU A 132 6.84 -18.71 2.74
N ASN A 133 6.51 -17.88 3.73
CA ASN A 133 7.05 -18.01 5.07
C ASN A 133 6.36 -19.10 5.90
N GLY A 134 5.29 -19.69 5.37
CA GLY A 134 4.49 -20.61 6.17
C GLY A 134 4.29 -22.01 5.62
N LYS A 135 4.29 -22.17 4.30
CA LYS A 135 3.96 -23.46 3.68
C LYS A 135 5.18 -24.29 3.28
N LEU A 136 4.92 -25.55 2.94
CA LEU A 136 5.88 -26.45 2.31
C LEU A 136 7.20 -26.66 3.09
N LYS A 137 7.18 -26.31 4.39
CA LYS A 137 8.31 -26.57 5.28
C LYS A 137 8.51 -28.08 5.33
N ASP A 138 9.76 -28.52 5.14
CA ASP A 138 10.07 -29.95 5.02
C ASP A 138 9.32 -30.68 3.86
N ALA A 139 9.31 -30.03 2.69
CA ALA A 139 9.06 -30.70 1.42
C ALA A 139 10.41 -31.01 0.80
N GLU A 140 10.49 -32.06 -0.01
CA GLU A 140 11.76 -32.37 -0.67
C GLU A 140 12.08 -31.37 -1.77
N LYS A 141 11.22 -31.31 -2.78
CA LYS A 141 11.35 -30.37 -3.89
C LYS A 141 10.07 -29.51 -3.95
N PRO A 142 10.02 -28.47 -3.09
CA PRO A 142 8.82 -27.68 -2.92
C PRO A 142 8.62 -26.68 -4.07
N VAL A 143 7.40 -26.62 -4.59
CA VAL A 143 7.05 -25.66 -5.64
C VAL A 143 5.78 -24.92 -5.18
N LEU A 144 5.87 -23.59 -5.17
CA LEU A 144 4.73 -22.74 -4.85
C LEU A 144 4.29 -22.04 -6.13
N PHE A 145 3.06 -22.32 -6.54
CA PHE A 145 2.50 -21.75 -7.74
C PHE A 145 1.67 -20.56 -7.32
N PHE A 146 1.96 -19.43 -7.93
CA PHE A 146 1.21 -18.23 -7.68
C PHE A 146 0.21 -18.05 -8.80
N GLU A 147 -1.09 -17.89 -8.45
CA GLU A 147 -2.10 -17.41 -9.41
C GLU A 147 -1.88 -15.92 -9.63
N ARG A 148 -1.30 -15.58 -10.80
CA ARG A 148 -0.86 -14.24 -11.19
C ARG A 148 0.21 -13.72 -10.25
N SER A 149 0.81 -12.61 -10.63
CA SER A 149 1.96 -12.03 -9.95
C SER A 149 1.82 -10.51 -9.81
N VAL A 150 2.66 -9.91 -8.95
CA VAL A 150 2.74 -8.46 -8.85
C VAL A 150 3.14 -7.84 -10.22
N TYR A 151 3.81 -8.59 -11.09
CA TYR A 151 4.21 -8.06 -12.43
C TYR A 151 3.03 -7.93 -13.34
N SER A 152 2.14 -8.91 -13.33
CA SER A 152 0.92 -8.76 -14.14
C SER A 152 -0.03 -7.71 -13.58
N ASP A 153 -0.12 -7.57 -12.24
CA ASP A 153 -0.91 -6.47 -11.66
C ASP A 153 -0.51 -5.13 -12.28
N ARG A 154 0.80 -4.91 -12.41
CA ARG A 154 1.31 -3.63 -12.86
C ARG A 154 1.33 -3.50 -14.34
N TYR A 155 1.97 -4.48 -14.98
CA TYR A 155 2.32 -4.34 -16.39
C TYR A 155 1.27 -4.82 -17.36
N ILE A 156 0.28 -5.56 -16.84
CA ILE A 156 -0.88 -5.92 -17.63
C ILE A 156 -2.10 -5.11 -17.20
N PHE A 157 -2.56 -5.32 -15.98
CA PHE A 157 -3.85 -4.74 -15.58
C PHE A 157 -3.80 -3.22 -15.34
N ALA A 158 -2.90 -2.78 -14.48
CA ALA A 158 -2.80 -1.35 -14.16
C ALA A 158 -2.37 -0.55 -15.39
N SER A 159 -1.38 -1.09 -16.10
CA SER A 159 -0.88 -0.43 -17.29
C SER A 159 -1.99 -0.25 -18.33
N ASN A 160 -2.80 -1.29 -18.50
CA ASN A 160 -3.90 -1.17 -19.42
C ASN A 160 -4.92 -0.11 -19.02
N LEU A 161 -5.24 -0.02 -17.73
CA LEU A 161 -6.12 1.05 -17.21
C LEU A 161 -5.60 2.47 -17.44
N TYR A 162 -4.31 2.69 -17.19
CA TYR A 162 -3.61 3.92 -17.57
C TYR A 162 -3.75 4.21 -19.06
N GLU A 163 -3.41 3.23 -19.90
CA GLU A 163 -3.53 3.39 -21.36
C GLU A 163 -4.96 3.72 -21.77
N SER A 164 -5.96 3.20 -21.07
CA SER A 164 -7.34 3.54 -21.40
C SER A 164 -7.88 4.79 -20.73
N GLU A 165 -7.00 5.56 -20.07
CA GLU A 165 -7.36 6.78 -19.35
C GLU A 165 -8.32 6.52 -18.20
N SER A 166 -8.30 5.30 -17.68
CA SER A 166 -9.04 4.96 -16.48
C SER A 166 -8.26 5.34 -15.19
N MET A 167 -6.95 5.54 -15.36
CA MET A 167 -6.05 6.18 -14.37
C MET A 167 -5.35 7.35 -15.04
N ASN A 168 -5.28 8.47 -14.33
CA ASN A 168 -4.61 9.68 -14.83
C ASN A 168 -3.10 9.66 -14.52
N GLU A 169 -2.38 10.70 -14.92
CA GLU A 169 -0.91 10.68 -14.81
C GLU A 169 -0.47 10.54 -13.35
N THR A 170 -1.18 11.27 -12.49
CA THR A 170 -0.88 11.31 -11.07
C THR A 170 -1.09 9.92 -10.43
N GLU A 171 -2.27 9.36 -10.66
CA GLU A 171 -2.56 7.98 -10.21
C GLU A 171 -1.53 6.96 -10.73
N TRP A 172 -1.12 7.07 -11.99
CA TRP A 172 -0.22 6.11 -12.57
C TRP A 172 1.20 6.24 -11.98
N THR A 173 1.62 7.49 -11.73
CA THR A 173 2.90 7.76 -11.05
C THR A 173 2.89 7.24 -9.62
N ILE A 174 1.84 7.58 -8.86
CA ILE A 174 1.73 7.09 -7.47
C ILE A 174 1.77 5.56 -7.40
N TYR A 175 0.99 4.92 -8.28
CA TYR A 175 0.94 3.47 -8.34
C TYR A 175 2.33 2.85 -8.57
N GLN A 176 3.02 3.32 -9.61
CA GLN A 176 4.31 2.76 -9.97
C GLN A 176 5.35 3.05 -8.89
N ASP A 177 5.30 4.25 -8.32
CA ASP A 177 6.19 4.63 -7.21
C ASP A 177 6.02 3.63 -6.06
N TRP A 178 4.77 3.38 -5.68
CA TRP A 178 4.46 2.47 -4.58
C TRP A 178 4.90 1.04 -4.92
N HIS A 179 4.55 0.59 -6.13
CA HIS A 179 4.92 -0.76 -6.60
C HIS A 179 6.46 -0.99 -6.61
N ASP A 180 7.20 -0.03 -7.16
CA ASP A 180 8.68 -0.07 -7.11
C ASP A 180 9.13 -0.23 -5.68
N TRP A 181 8.60 0.60 -4.79
CA TRP A 181 9.03 0.56 -3.40
C TRP A 181 8.72 -0.79 -2.76
N MET A 182 7.47 -1.27 -2.88
CA MET A 182 7.05 -2.59 -2.35
C MET A 182 7.99 -3.70 -2.80
N ASN A 183 8.31 -3.68 -4.10
CA ASN A 183 9.21 -4.66 -4.71
C ASN A 183 10.64 -4.61 -4.20
N ASN A 184 11.19 -3.42 -4.04
CA ASN A 184 12.55 -3.31 -3.53
C ASN A 184 12.63 -3.70 -2.05
N GLN A 185 11.54 -3.52 -1.33
CA GLN A 185 11.41 -4.06 0.03
C GLN A 185 11.29 -5.59 0.09
N PHE A 186 10.43 -6.14 -0.78
CA PHE A 186 10.09 -7.56 -0.77
C PHE A 186 10.44 -8.20 -2.11
N SER A 189 12.51 -12.01 -2.26
CA SER A 189 11.59 -12.98 -1.64
C SER A 189 10.55 -13.54 -2.61
N LEU A 190 9.92 -12.66 -3.39
CA LEU A 190 8.90 -13.07 -4.35
C LEU A 190 9.45 -13.38 -5.75
N GLU A 191 10.76 -13.24 -5.93
CA GLU A 191 11.32 -13.45 -7.27
C GLU A 191 10.90 -14.79 -7.85
N LEU A 192 10.38 -14.76 -9.07
CA LEU A 192 9.91 -15.94 -9.80
C LEU A 192 11.05 -16.76 -10.43
N ASP A 193 10.96 -18.07 -10.27
CA ASP A 193 11.85 -19.06 -10.88
C ASP A 193 11.36 -19.45 -12.26
N GLY A 194 10.07 -19.22 -12.53
CA GLY A 194 9.47 -19.55 -13.82
C GLY A 194 8.07 -19.01 -13.96
N ILE A 195 7.59 -18.98 -15.20
CA ILE A 195 6.21 -18.52 -15.52
C ILE A 195 5.57 -19.54 -16.45
N ILE A 196 4.33 -19.90 -16.13
CA ILE A 196 3.54 -20.75 -16.97
C ILE A 196 2.43 -19.86 -17.51
N TYR A 197 2.42 -19.66 -18.82
CA TYR A 197 1.49 -18.74 -19.42
C TYR A 197 0.38 -19.60 -20.03
N LEU A 198 -0.86 -19.42 -19.55
CA LEU A 198 -1.99 -20.16 -20.09
C LEU A 198 -2.67 -19.27 -21.08
N GLN A 199 -2.53 -19.66 -22.34
CA GLN A 199 -2.95 -18.84 -23.46
C GLN A 199 -4.30 -19.34 -24.00
N ALA A 200 -5.26 -18.42 -24.06
CA ALA A 200 -6.60 -18.67 -24.54
C ALA A 200 -6.96 -17.43 -25.32
N THR A 201 -7.82 -17.56 -26.33
CA THR A 201 -8.30 -16.44 -27.11
C THR A 201 -9.23 -15.58 -26.27
N PRO A 202 -9.30 -14.26 -26.59
CA PRO A 202 -10.29 -13.39 -25.96
C PRO A 202 -11.70 -14.00 -26.02
N GLU A 203 -12.05 -14.64 -27.14
CA GLU A 203 -13.37 -15.25 -27.29
C GLU A 203 -13.58 -16.41 -26.29
N THR A 204 -12.56 -17.23 -26.12
CA THR A 204 -12.60 -18.31 -25.13
C THR A 204 -12.81 -17.73 -23.75
N CYS A 205 -11.99 -16.72 -23.42
CA CYS A 205 -12.11 -16.07 -22.11
C CYS A 205 -13.50 -15.44 -21.92
N LEU A 206 -14.02 -14.76 -22.95
CA LEU A 206 -15.35 -14.20 -22.82
C LEU A 206 -16.44 -15.25 -22.51
N HIS A 207 -16.35 -16.40 -23.18
CA HIS A 207 -17.31 -17.52 -22.97
C HIS A 207 -17.18 -18.02 -21.54
N ARG A 208 -15.93 -18.20 -21.09
CA ARG A 208 -15.66 -18.77 -19.76
C ARG A 208 -16.06 -17.81 -18.63
N ILE A 209 -16.06 -16.51 -18.91
CA ILE A 209 -16.55 -15.51 -17.94
C ILE A 209 -18.01 -15.74 -17.72
N TYR A 210 -18.73 -16.02 -18.82
CA TYR A 210 -20.15 -16.39 -18.80
C TYR A 210 -20.37 -17.70 -18.05
N LEU A 211 -19.61 -18.75 -18.39
CA LEU A 211 -19.70 -20.02 -17.66
C LEU A 211 -19.48 -19.84 -16.17
N ARG A 212 -18.45 -19.08 -15.77
CA ARG A 212 -18.12 -18.95 -14.34
C ARG A 212 -19.20 -18.18 -13.59
N GLY A 213 -19.73 -17.15 -14.25
CA GLY A 213 -20.86 -16.37 -13.70
C GLY A 213 -20.56 -15.44 -12.56
N ARG A 214 -19.34 -14.90 -12.50
CA ARG A 214 -19.08 -13.84 -11.53
C ARG A 214 -19.89 -12.61 -11.94
N ASN A 215 -20.69 -12.08 -11.02
CA ASN A 215 -21.65 -11.04 -11.38
C ASN A 215 -21.02 -9.74 -11.84
N GLU A 216 -19.96 -9.32 -11.16
CA GLU A 216 -19.30 -8.08 -11.53
C GLU A 216 -18.58 -8.13 -12.88
N GLU A 217 -18.36 -9.34 -13.42
CA GLU A 217 -17.66 -9.48 -14.71
C GLU A 217 -18.58 -9.65 -15.90
N GLN A 218 -19.90 -9.72 -15.66
CA GLN A 218 -20.83 -10.04 -16.79
C GLN A 218 -21.02 -8.96 -17.85
N GLY A 219 -20.66 -7.71 -17.54
CA GLY A 219 -20.64 -6.67 -18.57
C GLY A 219 -19.28 -6.41 -19.26
N ILE A 220 -18.32 -7.32 -19.11
CA ILE A 220 -17.00 -7.08 -19.74
C ILE A 220 -17.09 -7.34 -21.24
N PRO A 221 -16.68 -6.35 -22.08
CA PRO A 221 -16.78 -6.64 -23.52
C PRO A 221 -15.52 -7.26 -24.11
N LEU A 222 -15.69 -7.82 -25.32
CA LEU A 222 -14.61 -8.51 -25.98
C LEU A 222 -13.34 -7.69 -26.13
N GLU A 223 -13.52 -6.40 -26.46
CA GLU A 223 -12.42 -5.44 -26.66
C GLU A 223 -11.55 -5.23 -25.44
N TYR A 224 -12.13 -5.33 -24.26
CA TYR A 224 -11.38 -5.23 -23.03
C TYR A 224 -10.47 -6.45 -22.86
N LEU A 225 -11.04 -7.65 -23.05
CA LEU A 225 -10.25 -8.89 -23.02
C LEU A 225 -9.15 -8.93 -24.08
N GLU A 226 -9.47 -8.43 -25.26
CA GLU A 226 -8.50 -8.31 -26.35
C GLU A 226 -7.27 -7.46 -25.93
N LYS A 227 -7.50 -6.32 -25.27
CA LYS A 227 -6.42 -5.46 -24.82
C LYS A 227 -5.54 -6.15 -23.81
N LEU A 228 -6.15 -6.95 -22.92
CA LEU A 228 -5.41 -7.68 -21.91
C LEU A 228 -4.67 -8.79 -22.58
N HIS A 229 -5.30 -9.37 -23.62
CA HIS A 229 -4.65 -10.46 -24.35
C HIS A 229 -3.33 -9.98 -24.98
N TYR A 230 -3.38 -8.83 -25.67
CA TYR A 230 -2.20 -8.30 -26.36
C TYR A 230 -1.03 -7.98 -25.39
N LYS A 231 -1.37 -7.45 -24.21
CA LYS A 231 -0.43 -7.21 -23.15
C LYS A 231 0.27 -8.51 -22.73
N HIS A 232 -0.47 -9.58 -22.43
CA HIS A 232 0.10 -10.90 -22.14
C HIS A 232 1.00 -11.40 -23.26
N GLU A 233 0.56 -11.26 -24.51
CA GLU A 233 1.37 -11.74 -25.62
C GLU A 233 2.69 -11.00 -25.68
N SER A 234 2.64 -9.69 -25.52
CA SER A 234 3.84 -8.81 -25.56
C SER A 234 4.79 -9.21 -24.43
N TRP A 235 4.22 -9.46 -23.25
CA TRP A 235 5.04 -9.80 -22.09
C TRP A 235 5.64 -11.21 -22.16
N LEU A 236 4.80 -12.21 -22.45
CA LEU A 236 5.18 -13.60 -22.22
C LEU A 236 5.45 -14.41 -23.49
N LEU A 237 4.94 -13.94 -24.64
CA LEU A 237 5.09 -14.70 -25.89
C LEU A 237 6.15 -14.02 -26.74
N HIS A 238 5.97 -12.74 -27.05
CA HIS A 238 6.94 -11.99 -27.86
C HIS A 238 8.12 -11.45 -27.05
N ARG A 239 7.89 -11.30 -25.73
CA ARG A 239 8.87 -10.86 -24.74
C ARG A 239 9.48 -9.48 -25.10
N THR A 240 8.63 -8.59 -25.60
CA THR A 240 9.02 -7.24 -26.02
C THR A 240 8.66 -6.21 -24.95
N LEU A 241 7.88 -6.63 -23.96
CA LEU A 241 7.44 -5.71 -22.94
C LEU A 241 8.56 -5.55 -21.94
N LYS A 242 8.99 -4.31 -21.71
CA LYS A 242 10.07 -4.02 -20.75
C LYS A 242 9.48 -3.64 -19.38
N THR A 243 10.07 -4.21 -18.33
CA THR A 243 9.65 -3.95 -16.96
C THR A 243 10.86 -3.37 -16.22
N ASN A 244 10.62 -2.81 -15.03
CA ASN A 244 11.67 -2.38 -14.10
C ASN A 244 12.48 -3.53 -13.51
N PHE A 245 12.16 -4.78 -13.86
CA PHE A 245 12.69 -5.97 -13.15
C PHE A 245 13.57 -6.87 -14.01
N ASP A 246 14.86 -6.49 -14.12
CA ASP A 246 15.79 -7.07 -15.12
C ASP A 246 15.80 -8.57 -15.24
N TYR A 247 15.74 -9.26 -14.11
CA TYR A 247 15.76 -10.71 -14.08
C TYR A 247 14.63 -11.31 -14.94
N LEU A 248 13.51 -10.60 -15.06
CA LEU A 248 12.34 -11.13 -15.78
C LEU A 248 12.63 -11.41 -17.23
N GLN A 249 13.48 -10.58 -17.84
CA GLN A 249 13.89 -10.80 -19.20
C GLN A 249 14.45 -12.23 -19.37
N GLU A 250 15.01 -12.80 -18.32
CA GLU A 250 15.66 -14.12 -18.37
C GLU A 250 14.82 -15.31 -17.88
N VAL A 251 13.87 -15.04 -17.00
CA VAL A 251 13.03 -16.09 -16.38
C VAL A 251 12.43 -17.01 -17.45
N PRO A 252 12.60 -18.34 -17.28
CA PRO A 252 12.02 -19.37 -18.14
C PRO A 252 10.49 -19.21 -18.17
N ILE A 253 9.88 -19.30 -19.37
CA ILE A 253 8.42 -19.18 -19.56
C ILE A 253 7.87 -20.39 -20.32
N LEU A 254 6.88 -21.07 -19.75
CA LEU A 254 6.21 -22.15 -20.45
C LEU A 254 4.85 -21.67 -20.94
N THR A 255 4.62 -21.75 -22.24
CA THR A 255 3.34 -21.32 -22.84
C THR A 255 2.48 -22.52 -23.18
N LEU A 256 1.25 -22.54 -22.69
CA LEU A 256 0.35 -23.68 -22.89
C LEU A 256 -0.97 -23.16 -23.47
N ASP A 257 -1.43 -23.76 -24.57
CA ASP A 257 -2.68 -23.38 -25.21
C ASP A 257 -3.77 -24.08 -24.40
N VAL A 258 -4.70 -23.28 -23.83
CA VAL A 258 -5.83 -23.80 -23.02
C VAL A 258 -7.23 -23.58 -23.64
N ASN A 259 -7.28 -23.33 -24.94
CA ASN A 259 -8.54 -23.14 -25.63
C ASN A 259 -9.44 -24.35 -25.70
N GLU A 260 -8.86 -25.56 -25.72
CA GLU A 260 -9.64 -26.81 -25.77
C GLU A 260 -10.34 -27.08 -24.44
N ASP A 261 -11.43 -27.84 -24.53
CA ASP A 261 -12.11 -28.42 -23.38
C ASP A 261 -11.09 -29.11 -22.47
N PHE A 262 -11.33 -29.06 -21.16
CA PHE A 262 -10.34 -29.50 -20.17
C PHE A 262 -9.73 -30.90 -20.41
N LYS A 263 -10.56 -31.90 -20.66
CA LYS A 263 -10.06 -33.27 -20.90
C LYS A 263 -9.11 -33.39 -22.11
N ASP A 264 -9.36 -32.59 -23.15
CA ASP A 264 -8.74 -32.84 -24.44
C ASP A 264 -7.23 -32.64 -24.42
N LYS A 265 -6.74 -31.78 -23.53
CA LYS A 265 -5.30 -31.46 -23.58
C LYS A 265 -4.56 -31.63 -22.26
N TYR A 266 -5.28 -31.95 -21.17
CA TYR A 266 -4.70 -31.98 -19.84
C TYR A 266 -3.45 -32.87 -19.72
N GLU A 267 -3.46 -34.02 -20.38
CA GLU A 267 -2.32 -34.97 -20.29
C GLU A 267 -1.06 -34.34 -20.84
N SER A 268 -1.14 -33.79 -22.05
CA SER A 268 0.02 -33.12 -22.64
C SER A 268 0.49 -31.89 -21.83
N LEU A 269 -0.47 -31.15 -21.24
CA LEU A 269 -0.17 -29.96 -20.42
C LEU A 269 0.60 -30.31 -19.15
N VAL A 270 0.13 -31.35 -18.47
CA VAL A 270 0.81 -31.91 -17.32
C VAL A 270 2.22 -32.34 -17.71
N GLU A 271 2.38 -33.13 -18.78
CA GLU A 271 3.71 -33.60 -19.21
C GLU A 271 4.62 -32.42 -19.59
N LYS A 272 4.08 -31.42 -20.27
CA LYS A 272 4.84 -30.20 -20.51
C LYS A 272 5.22 -29.49 -19.23
N VAL A 273 4.35 -29.53 -18.21
CA VAL A 273 4.68 -28.86 -16.96
C VAL A 273 5.85 -29.52 -16.20
N LYS A 274 5.77 -30.85 -16.01
CA LYS A 274 6.80 -31.60 -15.28
C LYS A 274 8.18 -31.48 -15.96
N GLU A 275 8.16 -31.43 -17.30
CA GLU A 275 9.35 -31.31 -18.14
C GLU A 275 9.99 -29.94 -17.89
N PHE A 276 9.18 -28.88 -17.94
CA PHE A 276 9.58 -27.50 -17.61
C PHE A 276 10.18 -27.36 -16.21
N LEU A 277 9.48 -27.89 -15.21
CA LEU A 277 9.94 -27.83 -13.83
C LEU A 277 11.27 -28.56 -13.65
N SER A 278 11.42 -29.69 -14.33
CA SER A 278 12.71 -30.40 -14.34
C SER A 278 13.90 -29.55 -14.84
N THR A 279 13.62 -28.51 -15.64
CA THR A 279 14.65 -27.63 -16.21
C THR A 279 15.10 -26.51 -15.27
N LEU A 280 14.23 -26.10 -14.36
CA LEU A 280 14.52 -25.06 -13.37
C LEU A 280 15.45 -25.56 -12.24
N ARG B 40 18.52 0.84 18.06
CA ARG B 40 19.10 1.60 19.20
C ARG B 40 18.90 3.10 19.03
N ILE B 41 18.59 3.51 17.79
CA ILE B 41 18.19 4.89 17.53
C ILE B 41 16.86 5.16 18.25
N LYS B 42 16.82 6.18 19.12
CA LYS B 42 15.57 6.59 19.74
C LYS B 42 14.74 7.30 18.68
N LYS B 43 13.47 6.95 18.60
CA LYS B 43 12.59 7.54 17.58
C LYS B 43 11.51 8.39 18.28
N ILE B 44 11.47 9.68 17.92
CA ILE B 44 10.57 10.65 18.57
C ILE B 44 9.72 11.31 17.50
N SER B 45 8.41 11.27 17.66
CA SER B 45 7.57 11.95 16.67
C SER B 45 7.10 13.32 17.19
N ILE B 46 7.14 14.32 16.31
CA ILE B 46 6.64 15.65 16.60
C ILE B 46 5.27 15.74 15.95
N GLU B 47 4.26 15.97 16.78
CA GLU B 47 2.88 16.00 16.33
C GLU B 47 2.26 17.35 16.62
N GLY B 48 1.18 17.65 15.91
CA GLY B 48 0.43 18.85 16.11
C GLY B 48 -0.25 19.25 14.82
N ASN B 49 -1.10 20.25 14.94
CA ASN B 49 -1.94 20.67 13.84
C ASN B 49 -1.17 21.33 12.70
N ILE B 50 -1.88 21.51 11.58
CA ILE B 50 -1.34 22.15 10.39
C ILE B 50 -0.79 23.56 10.78
N ALA B 51 0.49 23.76 10.42
CA ALA B 51 1.25 24.98 10.70
C ALA B 51 1.36 25.38 12.17
N ALA B 52 1.30 24.40 13.07
CA ALA B 52 1.58 24.65 14.48
C ALA B 52 3.02 25.14 14.69
N GLY B 53 3.93 24.69 13.84
CA GLY B 53 5.34 25.05 13.96
C GLY B 53 6.27 23.86 14.08
N LYS B 54 5.87 22.70 13.56
CA LYS B 54 6.65 21.47 13.75
C LYS B 54 7.97 21.47 12.96
N SER B 55 7.94 21.80 11.67
CA SER B 55 9.18 21.86 10.88
C SER B 55 10.15 22.92 11.44
N THR B 56 9.61 24.07 11.82
CA THR B 56 10.40 25.13 12.47
C THR B 56 11.10 24.58 13.72
N PHE B 57 10.31 23.98 14.62
CA PHE B 57 10.83 23.49 15.88
C PHE B 57 11.86 22.36 15.73
N VAL B 58 11.56 21.41 14.86
CA VAL B 58 12.47 20.29 14.71
C VAL B 58 13.82 20.71 14.06
N ASN B 59 13.77 21.69 13.16
CA ASN B 59 14.98 22.20 12.50
C ASN B 59 15.91 22.94 13.47
N ILE B 60 15.32 23.57 14.48
CA ILE B 60 16.05 24.15 15.60
C ILE B 60 16.69 23.06 16.45
N LEU B 61 15.85 22.10 16.86
CA LEU B 61 16.28 20.98 17.69
C LEU B 61 17.47 20.25 17.11
N LYS B 62 17.40 20.01 15.81
CA LYS B 62 18.38 19.24 15.08
C LYS B 62 19.81 19.74 15.36
N GLN B 63 19.95 21.04 15.59
CA GLN B 63 21.26 21.68 15.66
C GLN B 63 21.93 21.49 17.00
N LEU B 64 21.18 20.99 17.99
CA LEU B 64 21.74 20.84 19.35
C LEU B 64 22.79 19.72 19.47
N SER B 65 22.84 18.83 18.49
CA SER B 65 23.72 17.67 18.54
C SER B 65 23.94 17.08 17.17
N GLU B 66 25.15 16.61 16.94
CA GLU B 66 25.40 15.80 15.73
C GLU B 66 24.70 14.45 15.83
N ASP B 67 24.29 14.06 17.04
CA ASP B 67 23.64 12.79 17.25
C ASP B 67 22.16 12.84 16.87
N TRP B 68 21.67 14.05 16.61
CA TRP B 68 20.23 14.26 16.34
C TRP B 68 19.90 14.53 14.89
N GLU B 69 19.03 13.69 14.33
CA GLU B 69 18.58 13.86 12.96
C GLU B 69 17.05 14.00 12.87
N VAL B 70 16.60 14.41 11.69
CA VAL B 70 15.19 14.69 11.42
C VAL B 70 14.73 14.01 10.12
N VAL B 71 13.49 13.52 10.13
CA VAL B 71 12.84 13.03 8.94
C VAL B 71 11.63 13.98 8.67
N PRO B 72 11.80 14.96 7.77
CA PRO B 72 10.70 15.83 7.39
C PRO B 72 9.52 15.06 6.78
N GLU B 73 8.33 15.62 6.91
CA GLU B 73 7.17 15.09 6.19
C GLU B 73 7.49 15.34 4.73
N PRO B 74 7.25 14.32 3.86
CA PRO B 74 7.66 14.49 2.47
C PRO B 74 6.73 15.42 1.65
N VAL B 75 6.45 16.63 2.15
CA VAL B 75 5.43 17.50 1.53
C VAL B 75 5.74 17.82 0.07
N ALA B 76 7.01 18.06 -0.22
CA ALA B 76 7.45 18.40 -1.57
C ALA B 76 7.06 17.29 -2.54
N ARG B 77 7.16 16.04 -2.06
CA ARG B 77 6.85 14.84 -2.85
C ARG B 77 5.37 14.79 -3.17
N TRP B 78 4.56 15.46 -2.35
CA TRP B 78 3.11 15.46 -2.51
C TRP B 78 2.65 16.59 -3.41
N SER B 79 3.43 17.68 -3.41
CA SER B 79 3.24 18.90 -4.22
C SER B 79 3.64 18.70 -5.66
N ASN B 80 4.57 17.77 -5.87
CA ASN B 80 5.13 17.50 -7.18
C ASN B 80 5.30 15.99 -7.31
N VAL B 81 4.25 15.33 -7.76
CA VAL B 81 4.22 13.87 -7.83
C VAL B 81 5.15 13.36 -8.95
N GLN B 82 6.11 12.53 -8.54
CA GLN B 82 7.14 12.00 -9.43
C GLN B 82 7.60 10.67 -8.90
N SER B 83 8.33 9.92 -9.73
CA SER B 83 8.96 8.66 -9.31
C SER B 83 10.21 8.94 -8.47
N ASN B 97 7.53 17.49 -14.26
CA ASN B 97 6.79 17.99 -13.10
C ASN B 97 5.36 17.49 -13.01
N GLY B 98 5.10 16.75 -11.95
CA GLY B 98 3.85 16.01 -11.80
C GLY B 98 2.71 16.78 -11.22
N GLY B 99 1.64 16.07 -10.93
CA GLY B 99 0.47 16.69 -10.35
C GLY B 99 0.68 17.04 -8.89
N ASN B 100 -0.22 17.84 -8.38
CA ASN B 100 -0.13 18.24 -7.00
C ASN B 100 -1.26 17.54 -6.27
N VAL B 101 -0.94 16.40 -5.68
CA VAL B 101 -1.98 15.57 -5.07
C VAL B 101 -2.46 16.17 -3.73
N LEU B 102 -1.62 16.96 -3.08
CA LEU B 102 -2.09 17.77 -1.95
C LEU B 102 -3.18 18.74 -2.40
N GLN B 103 -2.93 19.48 -3.48
CA GLN B 103 -3.93 20.34 -4.05
C GLN B 103 -5.20 19.57 -4.50
N MET B 104 -5.02 18.40 -5.11
CA MET B 104 -6.19 17.65 -5.64
C MET B 104 -7.08 17.22 -4.47
N MET B 105 -6.45 16.80 -3.38
CA MET B 105 -7.18 16.45 -2.17
C MET B 105 -7.97 17.63 -1.55
N TYR B 106 -7.33 18.80 -1.43
CA TYR B 106 -8.00 19.97 -0.86
C TYR B 106 -9.11 20.46 -1.79
N GLU B 107 -8.87 20.43 -3.11
CA GLU B 107 -9.88 20.86 -4.07
C GLU B 107 -11.07 19.91 -4.23
N LYS B 108 -10.81 18.60 -4.17
CA LYS B 108 -11.88 17.62 -4.42
C LYS B 108 -11.69 16.45 -3.45
N PRO B 109 -11.93 16.69 -2.15
CA PRO B 109 -11.61 15.66 -1.16
C PRO B 109 -12.44 14.33 -1.31
N GLU B 110 -13.66 14.35 -1.87
CA GLU B 110 -14.40 13.09 -2.05
C GLU B 110 -13.78 12.23 -3.17
N ARG B 111 -13.04 12.86 -4.07
CA ARG B 111 -12.38 12.17 -5.18
C ARG B 111 -10.97 11.68 -4.78
N TRP B 112 -10.24 12.53 -4.05
CA TRP B 112 -8.77 12.38 -3.93
C TRP B 112 -8.21 12.06 -2.54
N SER B 113 -9.05 12.10 -1.51
CA SER B 113 -8.63 11.90 -0.12
C SER B 113 -7.99 10.53 0.08
N PHE B 114 -8.64 9.47 -0.39
CA PHE B 114 -8.00 8.14 -0.26
C PHE B 114 -6.64 8.07 -0.96
N THR B 115 -6.61 8.54 -2.22
CA THR B 115 -5.36 8.53 -2.96
C THR B 115 -4.28 9.35 -2.26
N PHE B 116 -4.65 10.55 -1.80
CA PHE B 116 -3.69 11.38 -1.09
C PHE B 116 -3.18 10.68 0.19
N GLN B 117 -4.10 10.18 0.99
CA GLN B 117 -3.77 9.58 2.30
C GLN B 117 -2.86 8.39 2.19
N THR B 118 -3.13 7.56 1.18
CA THR B 118 -2.32 6.37 0.91
C THR B 118 -0.88 6.72 0.53
N TYR B 119 -0.75 7.63 -0.40
CA TYR B 119 0.56 8.13 -0.83
C TYR B 119 1.33 8.87 0.28
N ALA B 120 0.62 9.70 1.05
CA ALA B 120 1.19 10.40 2.21
C ALA B 120 1.89 9.45 3.16
N CYS B 121 1.17 8.40 3.55
CA CYS B 121 1.69 7.40 4.49
C CYS B 121 2.76 6.53 3.87
N LEU B 122 2.52 6.08 2.66
CA LEU B 122 3.54 5.33 1.94
C LEU B 122 4.86 6.09 1.91
N SER B 123 4.81 7.36 1.53
CA SER B 123 6.00 8.19 1.38
C SER B 123 6.66 8.47 2.71
N ARG B 124 5.86 8.56 3.78
CA ARG B 124 6.42 8.73 5.12
C ARG B 124 7.19 7.48 5.56
N ILE B 125 6.56 6.30 5.41
CA ILE B 125 7.17 5.01 5.80
C ILE B 125 8.49 4.87 5.08
N ARG B 126 8.47 5.18 3.80
CA ARG B 126 9.67 5.15 3.01
C ARG B 126 10.75 6.07 3.58
N ALA B 127 10.43 7.34 3.81
CA ALA B 127 11.43 8.30 4.31
C ALA B 127 11.96 7.87 5.67
N GLN B 128 11.08 7.36 6.55
CA GLN B 128 11.47 7.06 7.91
C GLN B 128 12.37 5.85 7.96
N LEU B 129 12.02 4.82 7.17
CA LEU B 129 12.88 3.62 7.04
C LEU B 129 14.24 3.94 6.48
N ALA B 130 14.24 4.81 5.47
CA ALA B 130 15.49 5.27 4.82
C ALA B 130 16.48 5.89 5.80
N SER B 131 15.95 6.69 6.74
CA SER B 131 16.75 7.44 7.70
C SER B 131 17.33 6.55 8.77
N LEU B 132 16.59 5.54 9.20
CA LEU B 132 17.13 4.59 10.16
C LEU B 132 18.29 3.83 9.52
N ASN B 133 18.17 3.61 8.22
CA ASN B 133 19.09 2.75 7.50
C ASN B 133 20.50 3.31 7.49
N GLY B 134 20.66 4.62 7.40
CA GLY B 134 22.01 5.17 7.25
C GLY B 134 22.44 6.29 8.17
N LYS B 135 21.49 7.18 8.49
CA LYS B 135 21.81 8.56 8.89
C LYS B 135 22.62 8.80 10.18
N LEU B 136 22.61 7.85 11.12
CA LEU B 136 23.30 8.04 12.41
C LEU B 136 24.11 6.80 12.79
N LYS B 137 23.55 5.99 13.69
CA LYS B 137 24.01 4.61 14.05
C LYS B 137 25.53 4.44 14.29
N ASP B 138 26.26 5.55 14.21
CA ASP B 138 27.67 5.61 14.61
C ASP B 138 27.74 6.76 15.59
N ALA B 139 26.63 6.99 16.29
CA ALA B 139 26.51 8.11 17.20
C ALA B 139 26.44 7.58 18.63
N GLU B 140 27.02 8.33 19.57
CA GLU B 140 26.93 8.03 21.01
C GLU B 140 25.47 7.73 21.40
N LYS B 141 24.63 8.78 21.41
CA LYS B 141 23.20 8.65 21.72
C LYS B 141 22.35 9.16 20.53
N PRO B 142 22.10 8.30 19.53
CA PRO B 142 21.41 8.77 18.33
C PRO B 142 19.90 8.98 18.56
N VAL B 143 19.39 10.09 18.04
CA VAL B 143 17.95 10.37 18.10
C VAL B 143 17.45 10.77 16.72
N LEU B 144 16.32 10.19 16.31
CA LEU B 144 15.64 10.57 15.09
C LEU B 144 14.30 11.24 15.38
N PHE B 145 14.12 12.49 14.96
CA PHE B 145 12.83 13.17 15.13
C PHE B 145 12.00 13.00 13.87
N PHE B 146 10.81 12.42 14.00
CA PHE B 146 9.91 12.29 12.86
C PHE B 146 9.00 13.49 12.83
N GLU B 147 8.90 14.17 11.70
CA GLU B 147 7.81 15.12 11.54
C GLU B 147 6.50 14.37 11.23
N ARG B 148 5.66 14.18 12.26
CA ARG B 148 4.48 13.29 12.27
C ARG B 148 4.82 11.81 12.15
N SER B 149 3.80 10.98 12.31
CA SER B 149 3.94 9.53 12.33
C SER B 149 2.80 8.86 11.53
N VAL B 150 2.94 7.55 11.28
CA VAL B 150 1.89 6.77 10.58
C VAL B 150 0.60 6.74 11.39
N TYR B 151 0.71 7.00 12.69
CA TYR B 151 -0.45 7.00 13.59
C TYR B 151 -1.28 8.26 13.47
N SER B 152 -0.64 9.42 13.36
CA SER B 152 -1.40 10.64 12.96
C SER B 152 -2.01 10.57 11.56
N ASP B 153 -1.28 10.00 10.59
CA ASP B 153 -1.78 9.83 9.23
C ASP B 153 -3.13 9.12 9.27
N ARG B 154 -3.19 8.03 10.04
CA ARG B 154 -4.39 7.19 10.08
C ARG B 154 -5.48 7.71 10.99
N TYR B 155 -5.08 8.03 12.23
CA TYR B 155 -6.03 8.24 13.31
C TYR B 155 -6.48 9.69 13.44
N ILE B 156 -5.72 10.60 12.84
CA ILE B 156 -6.10 12.01 12.82
C ILE B 156 -6.66 12.36 11.45
N PHE B 157 -5.78 12.39 10.43
CA PHE B 157 -6.09 12.88 9.10
C PHE B 157 -6.99 11.96 8.30
N ALA B 158 -6.62 10.70 8.11
CA ALA B 158 -7.50 9.84 7.28
C ALA B 158 -8.84 9.65 7.98
N SER B 159 -8.76 9.35 9.28
CA SER B 159 -9.93 9.24 10.13
C SER B 159 -10.89 10.44 10.04
N ASN B 160 -10.36 11.65 10.13
CA ASN B 160 -11.18 12.87 9.96
C ASN B 160 -11.87 12.94 8.59
N LEU B 161 -11.19 12.47 7.55
CA LEU B 161 -11.75 12.50 6.21
C LEU B 161 -12.88 11.48 6.06
N TYR B 162 -12.71 10.31 6.67
CA TYR B 162 -13.78 9.33 6.70
C TYR B 162 -14.99 9.87 7.44
N GLU B 163 -14.74 10.51 8.58
CA GLU B 163 -15.80 11.13 9.39
C GLU B 163 -16.57 12.18 8.67
N SER B 164 -15.90 12.89 7.77
CA SER B 164 -16.53 13.99 7.06
C SER B 164 -17.10 13.48 5.72
N GLU B 165 -17.06 12.16 5.53
CA GLU B 165 -17.51 11.54 4.30
C GLU B 165 -16.67 11.88 3.06
N SER B 166 -15.40 12.24 3.25
CA SER B 166 -14.52 12.45 2.08
C SER B 166 -13.92 11.14 1.58
N MET B 167 -13.96 10.13 2.45
CA MET B 167 -13.79 8.72 2.11
C MET B 167 -15.07 7.97 2.43
N ASN B 168 -15.46 7.03 1.56
CA ASN B 168 -16.58 6.14 1.85
C ASN B 168 -16.13 4.92 2.66
N GLU B 169 -17.07 4.05 3.01
CA GLU B 169 -16.76 2.91 3.87
C GLU B 169 -15.74 1.96 3.23
N THR B 170 -15.84 1.77 1.93
CA THR B 170 -14.96 0.90 1.18
C THR B 170 -13.55 1.45 1.22
N GLU B 171 -13.41 2.74 0.94
CA GLU B 171 -12.09 3.40 0.93
C GLU B 171 -11.48 3.35 2.33
N TRP B 172 -12.29 3.64 3.35
CA TRP B 172 -11.79 3.60 4.74
C TRP B 172 -11.33 2.21 5.15
N THR B 173 -12.07 1.20 4.73
CA THR B 173 -11.70 -0.18 5.02
C THR B 173 -10.42 -0.61 4.29
N ILE B 174 -10.35 -0.26 3.00
CA ILE B 174 -9.12 -0.57 2.27
C ILE B 174 -7.94 0.14 2.91
N TYR B 175 -8.13 1.41 3.23
CA TYR B 175 -7.06 2.21 3.87
C TYR B 175 -6.58 1.52 5.17
N GLN B 176 -7.52 1.13 6.05
CA GLN B 176 -7.15 0.51 7.30
C GLN B 176 -6.44 -0.82 7.12
N ASP B 177 -6.88 -1.62 6.15
CA ASP B 177 -6.27 -2.94 5.86
C ASP B 177 -4.84 -2.76 5.36
N TRP B 178 -4.68 -1.84 4.43
CA TRP B 178 -3.38 -1.46 3.86
C TRP B 178 -2.43 -1.01 4.99
N HIS B 179 -2.93 -0.13 5.86
CA HIS B 179 -2.13 0.42 6.98
C HIS B 179 -1.74 -0.62 8.01
N ASP B 180 -2.70 -1.49 8.37
CA ASP B 180 -2.46 -2.63 9.27
C ASP B 180 -1.34 -3.49 8.71
N TRP B 181 -1.46 -3.90 7.44
CA TRP B 181 -0.43 -4.76 6.85
C TRP B 181 0.92 -4.05 6.79
N MET B 182 0.95 -2.90 6.12
CA MET B 182 2.14 -2.10 5.92
C MET B 182 2.93 -1.90 7.21
N ASN B 183 2.21 -1.66 8.30
CA ASN B 183 2.76 -1.63 9.67
C ASN B 183 3.22 -2.93 10.34
N ASN B 184 2.45 -4.01 10.20
CA ASN B 184 2.86 -5.30 10.77
C ASN B 184 4.23 -5.68 10.22
N GLN B 185 4.50 -5.25 8.99
CA GLN B 185 5.73 -5.59 8.31
C GLN B 185 6.88 -4.73 8.80
N PHE B 186 6.60 -3.46 9.06
CA PHE B 186 7.64 -2.48 9.40
C PHE B 186 7.53 -2.02 10.84
N GLY B 187 6.92 -0.86 11.06
CA GLY B 187 6.36 -0.48 12.37
C GLY B 187 7.24 -0.83 13.56
N GLN B 188 7.42 -2.13 13.84
CA GLN B 188 8.39 -2.59 14.87
C GLN B 188 9.70 -1.79 14.77
N SER B 189 10.12 -1.56 13.54
CA SER B 189 11.32 -0.80 13.22
C SER B 189 11.10 0.70 13.43
N LEU B 190 9.89 1.16 13.15
CA LEU B 190 9.55 2.58 13.30
C LEU B 190 8.88 2.90 14.64
N GLU B 191 8.85 1.95 15.58
CA GLU B 191 8.15 2.17 16.84
C GLU B 191 8.70 3.35 17.62
N LEU B 192 7.80 4.19 18.14
CA LEU B 192 8.20 5.43 18.83
C LEU B 192 8.62 5.20 20.28
N ASP B 193 9.66 5.94 20.71
CA ASP B 193 10.12 5.99 22.10
C ASP B 193 9.49 7.14 22.90
N GLY B 194 9.04 8.16 22.17
CA GLY B 194 8.35 9.28 22.81
C GLY B 194 7.66 10.10 21.73
N ILE B 195 6.76 10.96 22.18
CA ILE B 195 6.06 11.93 21.32
C ILE B 195 6.15 13.33 21.91
N ILE B 196 6.44 14.30 21.05
CA ILE B 196 6.40 15.70 21.42
C ILE B 196 5.21 16.32 20.71
N TYR B 197 4.26 16.78 21.51
CA TYR B 197 3.05 17.39 20.98
C TYR B 197 3.17 18.91 21.04
N LEU B 198 3.17 19.55 19.87
CA LEU B 198 3.20 20.99 19.77
C LEU B 198 1.78 21.50 19.69
N GLN B 199 1.34 22.17 20.75
CA GLN B 199 -0.05 22.55 20.92
C GLN B 199 -0.22 24.00 20.56
N ALA B 200 -1.06 24.27 19.57
CA ALA B 200 -1.37 25.64 19.21
C ALA B 200 -2.86 25.66 18.87
N THR B 201 -3.51 26.80 19.12
CA THR B 201 -4.95 26.90 18.90
C THR B 201 -5.28 26.80 17.41
N PRO B 202 -6.49 26.34 17.06
CA PRO B 202 -6.86 26.41 15.64
C PRO B 202 -6.67 27.81 14.98
N GLU B 203 -6.92 28.89 15.73
CA GLU B 203 -6.76 30.27 15.19
C GLU B 203 -5.29 30.64 14.88
N THR B 204 -4.40 30.29 15.80
CA THR B 204 -2.93 30.34 15.62
C THR B 204 -2.47 29.59 14.37
N CYS B 205 -3.07 28.41 14.15
CA CYS B 205 -2.75 27.54 13.02
C CYS B 205 -3.23 28.15 11.71
N LEU B 206 -4.44 28.70 11.74
CA LEU B 206 -4.99 29.39 10.56
C LEU B 206 -4.14 30.61 10.16
N HIS B 207 -3.70 31.38 11.16
CA HIS B 207 -2.81 32.54 10.96
C HIS B 207 -1.50 32.08 10.33
N ARG B 208 -0.94 30.98 10.85
CA ARG B 208 0.37 30.49 10.41
C ARG B 208 0.31 29.86 9.03
N ILE B 209 -0.81 29.24 8.69
CA ILE B 209 -1.06 28.81 7.32
C ILE B 209 -0.93 30.02 6.35
N TYR B 210 -1.56 31.14 6.71
CA TYR B 210 -1.42 32.40 5.94
C TYR B 210 0.01 32.92 5.85
N LEU B 211 0.71 32.96 6.99
CA LEU B 211 2.11 33.38 7.03
C LEU B 211 2.98 32.56 6.10
N ARG B 212 2.85 31.23 6.14
CA ARG B 212 3.71 30.32 5.34
C ARG B 212 3.36 30.38 3.86
N GLY B 213 2.09 30.54 3.56
CA GLY B 213 1.68 30.82 2.18
C GLY B 213 1.73 29.67 1.21
N ARG B 214 1.49 28.44 1.68
CA ARG B 214 1.29 27.33 0.74
C ARG B 214 -0.05 27.55 0.00
N ASN B 215 -0.01 27.74 -1.32
CA ASN B 215 -1.22 27.99 -2.13
C ASN B 215 -2.40 27.06 -1.86
N GLU B 216 -2.13 25.76 -1.86
CA GLU B 216 -3.16 24.71 -1.67
C GLU B 216 -3.92 24.80 -0.35
N GLU B 217 -3.35 25.49 0.64
CA GLU B 217 -3.86 25.51 2.03
C GLU B 217 -4.60 26.78 2.36
N GLN B 218 -4.54 27.75 1.46
CA GLN B 218 -5.06 29.08 1.76
C GLN B 218 -6.57 29.13 1.95
N GLY B 219 -7.26 28.14 1.37
CA GLY B 219 -8.69 28.03 1.51
C GLY B 219 -9.20 27.14 2.65
N ILE B 220 -8.29 26.64 3.49
CA ILE B 220 -8.71 25.75 4.58
C ILE B 220 -9.49 26.58 5.59
N PRO B 221 -10.70 26.11 5.99
CA PRO B 221 -11.45 26.89 6.95
C PRO B 221 -11.07 26.56 8.38
N LEU B 222 -11.28 27.52 9.28
CA LEU B 222 -11.08 27.29 10.71
C LEU B 222 -11.71 26.00 11.24
N GLU B 223 -12.94 25.70 10.83
CA GLU B 223 -13.67 24.49 11.26
C GLU B 223 -12.89 23.17 10.97
N TYR B 224 -12.21 23.09 9.83
CA TYR B 224 -11.40 21.91 9.50
C TYR B 224 -10.26 21.80 10.52
N LEU B 225 -9.64 22.94 10.83
CA LEU B 225 -8.54 22.97 11.81
C LEU B 225 -9.05 22.64 13.24
N GLU B 226 -10.26 23.08 13.57
CA GLU B 226 -10.87 22.71 14.87
C GLU B 226 -11.02 21.19 14.97
N LYS B 227 -11.49 20.55 13.90
CA LYS B 227 -11.68 19.09 13.85
C LYS B 227 -10.36 18.36 14.08
N LEU B 228 -9.32 18.82 13.39
CA LEU B 228 -7.96 18.25 13.56
C LEU B 228 -7.44 18.45 14.96
N HIS B 229 -7.72 19.62 15.54
CA HIS B 229 -7.28 19.93 16.89
C HIS B 229 -7.92 19.00 17.95
N TYR B 230 -9.23 18.78 17.82
CA TYR B 230 -9.96 17.83 18.69
C TYR B 230 -9.42 16.40 18.63
N LYS B 231 -9.07 15.93 17.44
CA LYS B 231 -8.46 14.63 17.31
C LYS B 231 -7.08 14.59 18.01
N HIS B 232 -6.28 15.62 17.84
CA HIS B 232 -4.97 15.68 18.51
C HIS B 232 -5.09 15.71 20.02
N GLU B 233 -6.03 16.52 20.53
CA GLU B 233 -6.26 16.64 21.98
C GLU B 233 -6.69 15.29 22.54
N SER B 234 -7.60 14.63 21.81
CA SER B 234 -8.12 13.32 22.17
C SER B 234 -7.00 12.28 22.20
N TRP B 235 -6.12 12.31 21.20
CA TRP B 235 -5.04 11.37 21.14
C TRP B 235 -3.96 11.58 22.20
N LEU B 236 -3.47 12.81 22.31
CA LEU B 236 -2.25 13.14 23.03
C LEU B 236 -2.46 13.86 24.38
N LEU B 237 -3.63 14.48 24.58
CA LEU B 237 -3.89 15.20 25.85
C LEU B 237 -4.85 14.40 26.74
N HIS B 238 -6.05 14.13 26.23
CA HIS B 238 -7.05 13.33 26.94
C HIS B 238 -6.75 11.84 26.94
N ARG B 239 -6.04 11.38 25.90
CA ARG B 239 -5.70 9.97 25.69
C ARG B 239 -6.94 9.05 25.59
N THR B 240 -7.98 9.53 24.93
CA THR B 240 -9.19 8.79 24.76
C THR B 240 -9.27 8.18 23.35
N LEU B 241 -8.29 8.50 22.51
CA LEU B 241 -8.34 8.02 21.13
C LEU B 241 -7.67 6.65 21.03
N THR B 243 -6.53 3.37 19.28
CA THR B 243 -5.73 2.74 18.21
C THR B 243 -5.41 1.28 18.46
N ASN B 244 -5.23 0.52 17.38
CA ASN B 244 -4.86 -0.86 17.52
C ASN B 244 -3.34 -1.10 17.50
N PHE B 245 -2.59 -0.14 18.02
CA PHE B 245 -1.15 -0.29 18.30
C PHE B 245 -0.98 -0.09 19.80
N ASP B 246 -1.09 -1.17 20.53
CA ASP B 246 -1.32 -1.07 21.97
C ASP B 246 -0.08 -0.56 22.74
N TYR B 247 1.11 -0.66 22.16
CA TYR B 247 2.35 -0.13 22.77
C TYR B 247 2.28 1.40 22.94
N LEU B 248 1.49 2.04 22.07
CA LEU B 248 1.35 3.50 22.09
C LEU B 248 0.78 4.05 23.37
N GLN B 249 -0.06 3.27 24.05
CA GLN B 249 -0.63 3.70 25.32
C GLN B 249 0.47 3.93 26.37
N GLU B 250 1.63 3.33 26.16
CA GLU B 250 2.73 3.45 27.11
C GLU B 250 3.74 4.55 26.74
N VAL B 251 3.65 5.10 25.54
CA VAL B 251 4.69 6.02 25.04
C VAL B 251 4.56 7.37 25.73
N PRO B 252 5.64 7.90 26.38
CA PRO B 252 5.62 9.24 26.97
C PRO B 252 5.38 10.36 25.96
N ILE B 253 4.62 11.36 26.40
CA ILE B 253 4.26 12.51 25.59
C ILE B 253 4.68 13.76 26.37
N LEU B 254 5.50 14.60 25.72
CA LEU B 254 5.80 15.95 26.17
C LEU B 254 4.92 16.93 25.43
N THR B 255 4.06 17.67 26.15
CA THR B 255 3.21 18.65 25.48
C THR B 255 3.87 20.02 25.63
N LEU B 256 4.06 20.71 24.50
CA LEU B 256 4.59 22.07 24.49
C LEU B 256 3.57 23.04 23.92
N ASP B 257 3.30 24.11 24.65
CA ASP B 257 2.46 25.19 24.14
C ASP B 257 3.28 26.15 23.23
N VAL B 258 2.90 26.18 21.94
CA VAL B 258 3.60 27.02 20.95
C VAL B 258 2.73 28.15 20.38
N ASN B 259 1.70 28.52 21.13
CA ASN B 259 0.81 29.60 20.68
C ASN B 259 1.50 30.96 20.60
N GLU B 260 2.52 31.17 21.42
CA GLU B 260 3.19 32.47 21.42
C GLU B 260 4.15 32.61 20.23
N ASP B 261 4.31 33.84 19.78
CA ASP B 261 5.37 34.21 18.85
C ASP B 261 6.72 33.60 19.32
N PHE B 262 7.54 33.09 18.39
CA PHE B 262 8.84 32.52 18.77
C PHE B 262 9.92 33.56 19.06
N TYR B 266 10.55 30.16 23.71
CA TYR B 266 10.99 29.11 22.79
C TYR B 266 12.30 28.56 23.33
N GLU B 267 13.12 29.43 23.92
CA GLU B 267 14.34 28.97 24.61
C GLU B 267 14.00 27.77 25.48
N SER B 268 13.15 28.00 26.48
CA SER B 268 12.77 26.97 27.45
C SER B 268 12.19 25.69 26.83
N LEU B 269 11.44 25.83 25.74
CA LEU B 269 10.84 24.67 25.08
C LEU B 269 11.94 23.69 24.67
N VAL B 270 13.01 24.23 24.07
CA VAL B 270 14.09 23.40 23.51
C VAL B 270 14.84 22.64 24.59
N GLU B 271 15.11 23.32 25.71
CA GLU B 271 15.72 22.70 26.89
C GLU B 271 14.85 21.58 27.45
N LYS B 272 13.53 21.81 27.48
CA LYS B 272 12.57 20.81 27.97
C LYS B 272 12.64 19.53 27.16
N VAL B 273 12.92 19.67 25.86
CA VAL B 273 13.11 18.52 24.98
C VAL B 273 14.40 17.76 25.32
N LYS B 274 15.52 18.50 25.44
CA LYS B 274 16.84 17.95 25.73
C LYS B 274 16.78 17.05 26.97
N GLU B 275 16.00 17.49 27.94
CA GLU B 275 15.83 16.77 29.18
C GLU B 275 14.77 15.67 29.14
N PHE B 276 13.62 15.92 28.51
CA PHE B 276 12.65 14.85 28.26
C PHE B 276 13.34 13.65 27.58
N LEU B 277 14.24 13.89 26.64
CA LEU B 277 14.94 12.79 25.96
C LEU B 277 15.84 11.98 26.89
N SER B 278 16.47 12.64 27.86
CA SER B 278 17.31 11.91 28.83
C SER B 278 16.49 10.95 29.71
N THR B 279 15.17 11.10 29.71
CA THR B 279 14.28 10.17 30.42
C THR B 279 13.84 8.95 29.58
N LEU B 280 14.17 8.93 28.29
CA LEU B 280 13.77 7.83 27.41
C LEU B 280 14.82 6.72 27.37
PB ADP C . -9.17 -18.04 -14.14
O1B ADP C . -9.87 -16.72 -14.08
O2B ADP C . -8.74 -18.61 -12.81
O3B ADP C . -8.07 -18.00 -15.19
PA ADP C . -11.15 -20.22 -13.96
O1A ADP C . -10.20 -21.31 -13.60
O2A ADP C . -12.07 -19.67 -12.91
O3A ADP C . -10.30 -19.05 -14.70
O5' ADP C . -12.02 -20.72 -15.22
C5' ADP C . -13.08 -19.92 -15.73
C4' ADP C . -14.27 -20.80 -16.12
O4' ADP C . -13.93 -21.65 -17.22
C3' ADP C . -14.75 -21.73 -14.99
O3' ADP C . -16.17 -21.78 -15.08
C2' ADP C . -14.14 -23.08 -15.31
O2' ADP C . -15.02 -24.17 -15.17
C1' ADP C . -13.98 -23.04 -16.81
N9 ADP C . -12.76 -23.65 -17.39
C8 ADP C . -11.45 -23.40 -17.13
N7 ADP C . -10.67 -24.13 -17.97
C5 ADP C . -11.50 -24.84 -18.77
C6 ADP C . -11.34 -25.82 -19.89
N6 ADP C . -10.22 -26.15 -20.33
N1 ADP C . -12.45 -26.31 -20.45
C2 ADP C . -13.81 -25.97 -20.06
N3 ADP C . -13.88 -25.01 -18.96
C4 ADP C . -12.76 -24.50 -18.39
N1 DCZ D . -8.04 -8.15 -11.88
C2 DCZ D . -7.75 -6.89 -12.17
N3 DCZ D . -6.54 -6.42 -11.88
C4 DCZ D . -5.64 -7.20 -11.31
C5 DCZ D . -5.98 -8.42 -11.03
C6 DCZ D . -7.15 -8.89 -11.31
O2 DCZ D . -8.59 -6.10 -12.78
N4 DCZ D . -4.48 -6.64 -11.01
C1' DCZ D . -9.42 -8.62 -12.16
C2' DCZ D . -9.63 -9.54 -13.36
C3' DCZ D . -10.71 -10.48 -12.84
C4' DCZ D . -10.55 -10.52 -11.32
O4' DCZ D . -9.87 -9.30 -10.96
O3' DCZ D . -12.00 -9.90 -13.07
C5' DCZ D . -9.82 -11.74 -10.77
O5' DCZ D . -8.69 -12.12 -11.56
PB ADP E . 4.41 22.85 10.49
O1B ADP E . 3.29 22.67 9.52
O2B ADP E . 5.72 22.15 10.16
O3B ADP E . 3.87 22.57 11.86
PA ADP E . 5.88 25.38 10.16
O1A ADP E . 7.05 24.98 11.06
O2A ADP E . 6.03 25.36 8.68
O3A ADP E . 4.60 24.48 10.56
O5' ADP E . 5.37 26.81 10.64
C5' ADP E . 4.25 27.46 10.02
C4' ADP E . 4.53 28.94 9.78
O4' ADP E . 4.48 29.61 11.06
C3' ADP E . 5.90 29.20 9.19
O3' ADP E . 5.76 30.28 8.26
C2' ADP E . 6.75 29.59 10.39
O2' ADP E . 7.73 30.55 10.04
C1' ADP E . 5.75 30.20 11.38
N9 ADP E . 5.93 29.86 12.78
C8 ADP E . 6.09 28.65 13.33
N7 ADP E . 6.21 28.75 14.68
C5 ADP E . 6.06 30.03 14.99
C6 ADP E . 6.05 30.80 16.27
N6 ADP E . 6.20 30.23 17.39
N1 ADP E . 5.88 32.12 16.18
C2 ADP E . 5.69 32.84 14.93
N3 ADP E . 5.70 32.04 13.72
C4 ADP E . 5.88 30.69 13.80
N1 DCZ F . -1.56 16.13 5.65
C2 DCZ F . -2.67 15.41 5.49
N3 DCZ F . -2.68 14.14 5.86
C4 DCZ F . -1.62 13.58 6.36
C5 DCZ F . -0.58 14.30 6.51
C6 DCZ F . -0.54 15.56 6.15
O2 DCZ F . -3.74 15.98 4.96
N4 DCZ F . -1.73 12.27 6.68
C1' DCZ F . -1.67 17.51 5.15
C2' DCZ F . -1.81 18.65 6.14
C3' DCZ F . -0.91 19.74 5.52
C4' DCZ F . 0.07 19.08 4.59
O4' DCZ F . -0.49 17.77 4.39
O3' DCZ F . -1.69 20.61 4.72
C5' DCZ F . 1.51 18.98 5.09
O5' DCZ F . 1.49 18.74 6.48
#